data_7AHJ
#
_entry.id   7AHJ
#
_cell.length_a   92.960
_cell.length_b   61.240
_cell.length_c   118.510
_cell.angle_alpha   90.000
_cell.angle_beta   103.170
_cell.angle_gamma   90.000
#
_symmetry.space_group_name_H-M   'C 1 2 1'
#
loop_
_entity.id
_entity.type
_entity.pdbx_description
1 polymer 'Peroxisome proliferator-activated receptor gamma'
2 non-polymer '2-(2-BENZOYL-PHENYLAMINO)-3-{4-[2-(5-METHYL-2-PHENYL-OXAZOL-4-YL)-ETHOXY]-PHENYL}-PROPIONIC ACID'
3 water water
#
_entity_poly.entity_id   1
_entity_poly.type   'polypeptide(L)'
_entity_poly.pdbx_seq_one_letter_code
;ALNPESADLRALAKHLYDSYIKSFPLTKAKARAILTGKTTDKSPFVIYDMNSLMMGEDKIKFKHITPLQEQSKEVAIRIF
QGCQFRSMEAVQEITEYAKSIPGFVNLDLNDQVTLLKYGVHEIIYTMLASLMNKDGVLISEGQGFMTREFLKSLRKPFGD
FMEPKFEFAVKFNALELDDSDLAIFIAVIILSGDRPGLLNVKPIEDIQDNLLQALELQLKLNHPESSQLFAKLLQKMTDL
RQIVTEHVQLLQVIKKTETDMSLHPLLQEIYKDLY
;
_entity_poly.pdbx_strand_id   A,B
#
loop_
_chem_comp.id
_chem_comp.type
_chem_comp.name
_chem_comp.formula
570 non-polymer '2-(2-BENZOYL-PHENYLAMINO)-3-{4-[2-(5-METHYL-2-PHENYL-OXAZOL-4-YL)-ETHOXY]-PHENYL}-PROPIONIC ACID' 'C34 H30 N2 O5'
#
# COMPACT_ATOMS: atom_id res chain seq x y z
N ALA A 1 -1.72 15.56 30.62
CA ALA A 1 -0.56 16.42 30.42
C ALA A 1 0.66 15.58 30.02
N LEU A 2 1.82 16.23 29.88
CA LEU A 2 3.06 15.53 29.54
C LEU A 2 3.61 14.73 30.72
N ASN A 3 4.53 13.80 30.42
CA ASN A 3 4.76 12.70 31.34
C ASN A 3 6.09 12.17 30.83
N PRO A 4 6.90 11.47 31.62
CA PRO A 4 8.29 11.24 31.19
C PRO A 4 8.39 10.61 29.80
N GLU A 5 7.46 9.73 29.46
CA GLU A 5 7.52 9.03 28.18
C GLU A 5 7.17 9.97 27.03
N SER A 6 6.04 10.67 27.12
CA SER A 6 5.69 11.63 26.08
C SER A 6 6.67 12.78 26.01
N ALA A 7 7.39 13.07 27.10
CA ALA A 7 8.43 14.09 27.03
C ALA A 7 9.58 13.66 26.13
N ASP A 8 10.02 12.41 26.28
CA ASP A 8 11.09 11.89 25.42
C ASP A 8 10.70 11.92 23.95
N LEU A 9 9.41 11.71 23.66
CA LEU A 9 8.96 11.73 22.28
C LEU A 9 8.95 13.15 21.71
N ARG A 10 8.68 14.16 22.54
CA ARG A 10 8.74 15.53 22.07
C ARG A 10 10.18 15.92 21.74
N ALA A 11 11.14 15.46 22.54
CA ALA A 11 12.55 15.75 22.26
C ALA A 11 12.98 15.13 20.95
N LEU A 12 12.47 13.93 20.64
CA LEU A 12 12.81 13.27 19.38
C LEU A 12 12.22 14.05 18.20
N ALA A 13 10.94 14.41 18.30
CA ALA A 13 10.33 15.22 17.25
C ALA A 13 11.08 16.52 17.06
N LYS A 14 11.52 17.14 18.15
CA LYS A 14 12.29 18.38 18.05
C LYS A 14 13.61 18.14 17.32
N HIS A 15 14.29 17.04 17.63
CA HIS A 15 15.58 16.75 17.00
C HIS A 15 15.42 16.48 15.52
N LEU A 16 14.34 15.81 15.12
CA LEU A 16 14.16 15.44 13.72
C LEU A 16 13.82 16.65 12.86
N TYR A 17 12.90 17.49 13.34
CA TYR A 17 12.61 18.75 12.64
C TYR A 17 13.88 19.55 12.43
N ASP A 18 14.68 19.69 13.49
CA ASP A 18 15.95 20.40 13.42
C ASP A 18 16.83 19.86 12.30
N SER A 19 17.00 18.54 12.23
CA SER A 19 17.86 17.95 11.21
C SER A 19 17.26 18.10 9.82
N TYR A 20 15.93 18.10 9.73
CA TYR A 20 15.22 18.30 8.47
C TYR A 20 15.53 19.68 7.89
N ILE A 21 15.40 20.73 8.71
CA ILE A 21 15.70 22.07 8.25
C ILE A 21 17.15 22.17 7.79
N LYS A 22 18.05 21.47 8.47
CA LYS A 22 19.46 21.55 8.11
C LYS A 22 19.76 20.77 6.83
N SER A 23 19.01 19.71 6.55
CA SER A 23 19.32 18.86 5.41
C SER A 23 18.63 19.28 4.12
N PHE A 24 17.45 19.89 4.20
CA PHE A 24 16.66 20.19 3.02
C PHE A 24 16.55 21.68 2.81
N PRO A 25 17.17 22.24 1.76
CA PRO A 25 17.25 23.70 1.66
C PRO A 25 15.94 24.39 1.32
N LEU A 26 14.97 23.69 0.73
CA LEU A 26 13.69 24.27 0.35
C LEU A 26 12.58 23.56 1.13
N THR A 27 12.16 24.17 2.23
CA THR A 27 11.12 23.60 3.07
C THR A 27 9.75 23.79 2.43
N LYS A 28 8.76 23.07 2.97
CA LYS A 28 7.38 23.33 2.55
C LYS A 28 6.97 24.75 2.90
N ALA A 29 7.39 25.23 4.07
CA ALA A 29 7.04 26.59 4.49
C ALA A 29 7.50 27.61 3.47
N LYS A 30 8.75 27.50 3.00
CA LYS A 30 9.21 28.41 1.97
C LYS A 30 8.46 28.19 0.66
N ALA A 31 8.28 26.93 0.27
CA ALA A 31 7.56 26.63 -0.96
C ALA A 31 6.17 27.24 -0.96
N ARG A 32 5.45 27.08 0.15
CA ARG A 32 4.09 27.63 0.23
C ARG A 32 4.12 29.15 0.11
N ALA A 33 5.07 29.80 0.79
CA ALA A 33 5.16 31.26 0.70
C ALA A 33 5.38 31.70 -0.75
N ILE A 34 6.24 30.98 -1.47
CA ILE A 34 6.48 31.31 -2.88
C ILE A 34 5.22 31.10 -3.70
N LEU A 35 4.53 29.99 -3.48
CA LEU A 35 3.40 29.63 -4.34
C LEU A 35 2.19 30.53 -4.10
N THR A 36 2.01 31.00 -2.86
CA THR A 36 0.82 31.74 -2.49
C THR A 36 1.00 33.25 -2.58
N GLY A 37 2.13 33.72 -3.08
CA GLY A 37 2.34 35.15 -3.22
C GLY A 37 2.52 35.89 -1.90
N LYS A 42 10.33 35.31 -3.03
CA LYS A 42 10.07 36.17 -4.15
C LYS A 42 9.37 35.39 -5.21
N SER A 43 8.77 36.11 -6.16
CA SER A 43 7.91 35.46 -7.15
C SER A 43 8.76 34.71 -8.17
N PRO A 44 8.31 33.54 -8.64
CA PRO A 44 9.10 32.77 -9.60
C PRO A 44 8.80 33.17 -11.04
N PHE A 45 9.78 32.89 -11.90
CA PHE A 45 9.54 32.93 -13.34
C PHE A 45 8.77 31.68 -13.75
N VAL A 46 7.73 31.86 -14.53
CA VAL A 46 6.81 30.77 -14.88
C VAL A 46 7.13 30.28 -16.28
N ILE A 47 7.37 28.97 -16.39
CA ILE A 47 7.62 28.30 -17.66
C ILE A 47 6.36 27.54 -18.04
N TYR A 48 5.71 27.95 -19.12
CA TYR A 48 4.48 27.33 -19.56
C TYR A 48 4.54 26.86 -21.01
N ASP A 49 5.62 27.13 -21.73
CA ASP A 49 5.70 26.76 -23.14
C ASP A 49 7.15 26.87 -23.59
N MET A 50 7.35 26.78 -24.91
CA MET A 50 8.68 26.69 -25.48
C MET A 50 9.47 27.98 -25.27
N ASN A 51 8.91 29.11 -25.69
CA ASN A 51 9.64 30.36 -25.61
C ASN A 51 9.94 30.73 -24.17
N SER A 52 8.93 30.62 -23.29
CA SER A 52 9.16 30.91 -21.88
C SER A 52 10.21 29.98 -21.28
N LEU A 53 10.34 28.77 -21.83
CA LEU A 53 11.40 27.87 -21.37
C LEU A 53 12.78 28.42 -21.70
N MET A 54 12.92 29.19 -22.78
CA MET A 54 14.22 29.77 -23.14
C MET A 54 14.48 31.09 -22.42
N MET A 55 13.48 31.95 -22.37
CA MET A 55 13.48 33.10 -21.47
C MET A 55 13.85 32.69 -20.02
N GLY A 56 13.32 31.56 -19.51
CA GLY A 56 13.65 31.16 -18.14
C GLY A 56 15.07 30.63 -17.96
N GLU A 57 15.58 29.87 -18.92
CA GLU A 57 16.95 29.40 -18.84
C GLU A 57 17.92 30.57 -18.66
N ASP A 58 17.59 31.73 -19.22
CA ASP A 58 18.41 32.92 -19.06
C ASP A 58 18.11 33.61 -17.73
N LYS A 59 16.85 33.60 -17.30
CA LYS A 59 16.48 34.34 -16.10
C LYS A 59 16.79 33.60 -14.82
N ILE A 60 16.93 32.27 -14.84
CA ILE A 60 17.13 31.53 -13.60
C ILE A 60 18.36 30.64 -13.68
N LYS A 61 18.33 29.64 -14.54
CA LYS A 61 19.51 28.78 -14.73
C LYS A 61 20.00 28.19 -13.41
N LYS A 73 12.48 15.18 -28.90
CA LYS A 73 12.88 16.58 -29.04
C LYS A 73 13.79 17.00 -27.92
N GLU A 74 14.80 17.80 -28.24
CA GLU A 74 15.82 18.17 -27.25
C GLU A 74 15.18 18.80 -26.01
N VAL A 75 13.93 19.26 -26.12
CA VAL A 75 13.27 19.88 -24.98
C VAL A 75 12.61 18.84 -24.10
N ALA A 76 11.99 17.81 -24.68
CA ALA A 76 11.51 16.73 -23.85
C ALA A 76 12.67 16.07 -23.13
N ILE A 77 13.88 16.18 -23.68
CA ILE A 77 15.07 15.62 -23.09
C ILE A 77 15.70 16.58 -22.09
N ARG A 78 15.57 17.88 -22.31
CA ARG A 78 16.09 18.85 -21.36
C ARG A 78 15.28 18.84 -20.07
N ILE A 79 13.98 18.54 -20.16
CA ILE A 79 13.16 18.45 -18.96
C ILE A 79 13.45 17.14 -18.23
N PHE A 80 13.59 16.04 -18.98
CA PHE A 80 13.89 14.75 -18.38
C PHE A 80 15.15 14.82 -17.52
N GLN A 81 16.20 15.41 -18.04
CA GLN A 81 17.48 15.48 -17.36
C GLN A 81 17.51 16.56 -16.28
N GLY A 82 16.66 17.57 -16.38
CA GLY A 82 16.46 18.44 -15.23
C GLY A 82 15.88 17.66 -14.07
N CYS A 83 14.90 16.81 -14.38
CA CYS A 83 14.38 15.94 -13.33
C CYS A 83 15.33 14.83 -12.87
N GLN A 84 16.23 14.28 -13.68
CA GLN A 84 17.18 13.36 -13.03
C GLN A 84 18.28 14.11 -12.21
N PHE A 85 18.75 15.26 -12.69
CA PHE A 85 19.72 15.99 -11.88
C PHE A 85 19.06 16.34 -10.58
N ARG A 86 17.86 16.83 -10.68
CA ARG A 86 17.19 17.06 -9.42
C ARG A 86 17.15 15.83 -8.54
N SER A 87 16.73 14.71 -9.03
CA SER A 87 16.45 13.63 -8.11
C SER A 87 17.69 13.15 -7.40
N MET A 88 18.86 13.32 -8.00
CA MET A 88 20.10 12.90 -7.34
C MET A 88 20.47 13.84 -6.20
N GLU A 89 20.27 15.13 -6.39
CA GLU A 89 20.43 16.08 -5.30
C GLU A 89 19.58 15.68 -4.10
N ALA A 90 18.32 15.30 -4.36
CA ALA A 90 17.43 14.91 -3.28
C ALA A 90 17.94 13.66 -2.57
N VAL A 91 18.48 12.71 -3.33
CA VAL A 91 19.02 11.50 -2.69
C VAL A 91 20.15 11.87 -1.74
N GLN A 92 21.03 12.79 -2.16
CA GLN A 92 22.10 13.23 -1.28
C GLN A 92 21.56 13.89 -0.02
N GLU A 93 20.53 14.74 -0.17
CA GLU A 93 19.93 15.38 0.98
C GLU A 93 19.28 14.35 1.90
N ILE A 94 18.54 13.40 1.32
CA ILE A 94 17.87 12.38 2.11
C ILE A 94 18.89 11.53 2.85
N THR A 95 19.98 11.16 2.17
CA THR A 95 21.00 10.33 2.80
C THR A 95 21.60 11.05 4.00
N GLU A 96 21.82 12.35 3.89
CA GLU A 96 22.35 13.12 5.02
C GLU A 96 21.33 13.21 6.15
N TYR A 97 20.05 13.37 5.80
CA TYR A 97 19.02 13.39 6.84
C TYR A 97 18.95 12.06 7.57
N ALA A 98 19.09 10.94 6.84
CA ALA A 98 18.97 9.63 7.46
C ALA A 98 19.98 9.45 8.58
N LYS A 99 21.19 9.97 8.39
CA LYS A 99 22.22 9.83 9.41
C LYS A 99 21.76 10.37 10.77
N SER A 100 20.82 11.31 10.78
CA SER A 100 20.39 11.96 12.01
C SER A 100 19.31 11.20 12.75
N ILE A 101 18.66 10.22 12.12
CA ILE A 101 17.61 9.45 12.78
C ILE A 101 18.28 8.59 13.85
N PRO A 102 17.98 8.80 15.13
CA PRO A 102 18.68 8.04 16.18
C PRO A 102 18.65 6.54 15.90
N GLY A 103 19.84 5.94 15.88
CA GLY A 103 19.99 4.52 15.69
C GLY A 103 20.34 4.10 14.28
N PHE A 104 20.14 4.98 13.29
CA PHE A 104 20.29 4.55 11.90
C PHE A 104 21.74 4.20 11.57
N VAL A 105 22.68 5.07 11.94
CA VAL A 105 24.08 4.85 11.58
C VAL A 105 24.68 3.66 12.30
N ASN A 106 24.02 3.16 13.35
CA ASN A 106 24.49 1.99 14.08
C ASN A 106 24.00 0.68 13.47
N LEU A 107 23.09 0.74 12.51
CA LEU A 107 22.61 -0.47 11.86
C LEU A 107 23.68 -1.05 10.94
N ASP A 108 23.56 -2.36 10.69
CA ASP A 108 24.33 -3.03 9.66
C ASP A 108 24.41 -2.16 8.42
N LEU A 109 25.65 -1.86 7.98
CA LEU A 109 25.83 -0.97 6.85
C LEU A 109 25.07 -1.44 5.62
N ASN A 110 24.92 -2.76 5.47
CA ASN A 110 24.20 -3.30 4.31
C ASN A 110 22.71 -3.01 4.41
N ASP A 111 22.16 -3.03 5.62
CA ASP A 111 20.76 -2.67 5.79
C ASP A 111 20.55 -1.17 5.66
N GLN A 112 21.54 -0.37 6.05
CA GLN A 112 21.48 1.07 5.79
C GLN A 112 21.30 1.32 4.30
N VAL A 113 22.09 0.62 3.47
CA VAL A 113 21.99 0.80 2.02
C VAL A 113 20.62 0.36 1.53
N THR A 114 20.14 -0.79 2.01
CA THR A 114 18.84 -1.30 1.57
C THR A 114 17.72 -0.34 1.93
N LEU A 115 17.75 0.20 3.14
CA LEU A 115 16.68 1.12 3.57
C LEU A 115 16.68 2.38 2.72
N LEU A 116 17.86 2.89 2.36
CA LEU A 116 17.93 4.06 1.49
C LEU A 116 17.44 3.72 0.09
N LYS A 117 17.93 2.61 -0.47
CA LYS A 117 17.57 2.22 -1.83
C LYS A 117 16.05 2.18 -2.01
N TYR A 118 15.34 1.63 -1.02
CA TYR A 118 13.90 1.50 -1.13
C TYR A 118 13.15 2.71 -0.59
N GLY A 119 13.81 3.58 0.17
CA GLY A 119 13.13 4.68 0.79
C GLY A 119 13.18 6.00 0.04
N VAL A 120 14.23 6.21 -0.76
CA VAL A 120 14.50 7.55 -1.25
C VAL A 120 13.39 8.04 -2.16
N HIS A 121 12.87 7.18 -3.03
CA HIS A 121 11.88 7.65 -4.00
C HIS A 121 10.52 7.89 -3.36
N GLU A 122 10.16 7.08 -2.37
CA GLU A 122 8.95 7.35 -1.61
C GLU A 122 9.05 8.70 -0.90
N ILE A 123 10.25 9.06 -0.44
CA ILE A 123 10.45 10.35 0.21
C ILE A 123 10.46 11.48 -0.82
N ILE A 124 11.15 11.25 -1.94
CA ILE A 124 11.23 12.27 -2.99
C ILE A 124 9.83 12.73 -3.38
N TYR A 125 8.92 11.78 -3.59
CA TYR A 125 7.56 12.13 -4.03
C TYR A 125 6.74 12.73 -2.90
N THR A 126 6.98 12.31 -1.67
CA THR A 126 6.34 12.97 -0.52
C THR A 126 6.71 14.44 -0.48
N MET A 127 8.00 14.74 -0.62
CA MET A 127 8.47 16.12 -0.49
C MET A 127 8.26 16.92 -1.76
N LEU A 128 8.18 16.27 -2.92
CA LEU A 128 7.83 16.99 -4.14
C LEU A 128 6.44 17.60 -4.02
N ALA A 129 5.54 16.94 -3.29
CA ALA A 129 4.20 17.49 -3.08
C ALA A 129 4.26 18.87 -2.42
N SER A 130 5.24 19.07 -1.52
CA SER A 130 5.38 20.36 -0.86
C SER A 130 5.59 21.49 -1.88
N LEU A 131 6.13 21.16 -3.05
CA LEU A 131 6.47 22.14 -4.07
C LEU A 131 5.41 22.24 -5.15
N MET A 132 4.28 21.57 -4.98
CA MET A 132 3.27 21.46 -6.03
C MET A 132 1.96 22.07 -5.58
N ASN A 133 1.25 22.65 -6.54
CA ASN A 133 -0.17 22.94 -6.43
C ASN A 133 -0.83 22.34 -7.67
N LYS A 134 -2.16 22.39 -7.72
CA LYS A 134 -2.84 21.73 -8.83
C LYS A 134 -2.42 22.27 -10.19
N ASP A 135 -1.70 23.39 -10.25
CA ASP A 135 -1.37 24.02 -11.52
C ASP A 135 0.07 23.83 -11.96
N GLY A 136 0.99 23.46 -11.06
CA GLY A 136 2.38 23.33 -11.46
C GLY A 136 3.26 23.04 -10.26
N VAL A 137 4.56 23.06 -10.53
CA VAL A 137 5.57 22.64 -9.55
C VAL A 137 6.74 23.62 -9.57
N LEU A 138 7.24 23.94 -8.38
CA LEU A 138 8.40 24.81 -8.26
C LEU A 138 9.67 24.08 -8.67
N ILE A 139 10.59 24.80 -9.31
CA ILE A 139 11.84 24.23 -9.79
C ILE A 139 12.99 25.14 -9.42
N SER A 140 14.20 24.59 -9.52
CA SER A 140 15.44 25.33 -9.33
C SER A 140 15.39 26.19 -8.06
N GLU A 141 15.25 25.49 -6.93
CA GLU A 141 15.23 26.12 -5.60
C GLU A 141 14.09 27.11 -5.48
N GLY A 142 13.05 26.96 -6.28
CA GLY A 142 11.91 27.85 -6.21
C GLY A 142 12.04 29.12 -7.02
N GLN A 143 13.11 29.26 -7.80
CA GLN A 143 13.23 30.40 -8.69
C GLN A 143 12.30 30.28 -9.89
N GLY A 144 11.82 29.08 -10.19
CA GLY A 144 10.96 28.87 -11.32
C GLY A 144 9.71 28.08 -10.92
N PHE A 145 8.74 28.11 -11.83
CA PHE A 145 7.48 27.39 -11.68
C PHE A 145 7.13 26.86 -13.06
N MET A 146 7.01 25.54 -13.18
CA MET A 146 6.70 24.90 -14.45
C MET A 146 5.27 24.36 -14.39
N THR A 147 4.45 24.73 -15.36
CA THR A 147 3.03 24.42 -15.29
C THR A 147 2.78 22.95 -15.59
N ARG A 148 1.73 22.41 -14.96
CA ARG A 148 1.34 21.03 -15.17
C ARG A 148 0.87 20.79 -16.60
N GLU A 149 0.28 21.79 -17.23
CA GLU A 149 -0.16 21.63 -18.62
C GLU A 149 1.03 21.53 -19.56
N PHE A 150 2.06 22.36 -19.35
CA PHE A 150 3.26 22.26 -20.17
C PHE A 150 3.88 20.88 -20.05
N LEU A 151 3.94 20.34 -18.83
CA LEU A 151 4.62 19.06 -18.61
C LEU A 151 3.85 17.91 -19.27
N LYS A 152 2.52 17.93 -19.19
CA LYS A 152 1.70 16.88 -19.79
C LYS A 152 1.58 17.03 -21.30
N SER A 153 2.10 18.12 -21.86
CA SER A 153 2.07 18.34 -23.30
C SER A 153 3.32 17.80 -24.01
N LEU A 154 4.23 17.16 -23.29
CA LEU A 154 5.46 16.67 -23.89
C LEU A 154 5.19 15.41 -24.71
N ARG A 155 6.10 15.12 -25.64
CA ARG A 155 5.89 14.09 -26.64
C ARG A 155 6.24 12.71 -26.09
N LYS A 156 5.92 11.67 -26.89
CA LYS A 156 6.41 10.33 -26.61
C LYS A 156 5.96 9.95 -25.20
N PRO A 157 6.72 9.20 -24.39
CA PRO A 157 6.22 8.93 -23.03
C PRO A 157 6.48 10.05 -22.04
N PHE A 158 7.22 11.08 -22.44
CA PHE A 158 7.64 12.11 -21.49
C PHE A 158 6.47 12.93 -20.95
N GLY A 159 5.36 13.01 -21.68
CA GLY A 159 4.22 13.75 -21.18
C GLY A 159 3.40 13.03 -20.13
N ASP A 160 3.71 11.77 -19.89
CA ASP A 160 2.97 10.92 -18.98
C ASP A 160 3.66 10.75 -17.63
N PHE A 161 4.84 11.36 -17.46
CA PHE A 161 5.66 11.08 -16.28
C PHE A 161 5.18 11.83 -15.05
N MET A 162 4.87 13.12 -15.18
CA MET A 162 4.63 13.94 -14.00
C MET A 162 3.18 13.97 -13.56
N GLU A 163 2.25 13.52 -14.40
CA GLU A 163 0.84 13.58 -14.03
C GLU A 163 0.52 12.74 -12.80
N PRO A 164 1.05 11.52 -12.63
CA PRO A 164 0.76 10.77 -11.39
C PRO A 164 1.19 11.52 -10.14
N LYS A 165 2.32 12.24 -10.20
CA LYS A 165 2.79 12.97 -9.03
C LYS A 165 1.84 14.10 -8.66
N PHE A 166 1.37 14.87 -9.65
CA PHE A 166 0.42 15.94 -9.35
C PHE A 166 -0.84 15.38 -8.70
N GLU A 167 -1.35 14.27 -9.22
CA GLU A 167 -2.56 13.67 -8.66
C GLU A 167 -2.37 13.33 -7.18
N PHE A 168 -1.25 12.68 -6.85
CA PHE A 168 -0.95 12.40 -5.45
C PHE A 168 -0.81 13.69 -4.65
N ALA A 169 -0.06 14.65 -5.20
CA ALA A 169 0.25 15.87 -4.46
C ALA A 169 -1.02 16.60 -4.04
N VAL A 170 -2.01 16.68 -4.94
CA VAL A 170 -3.22 17.43 -4.63
C VAL A 170 -3.96 16.80 -3.46
N LYS A 171 -4.00 15.46 -3.42
CA LYS A 171 -4.68 14.78 -2.32
C LYS A 171 -3.82 14.77 -1.06
N PHE A 172 -2.50 14.56 -1.19
CA PHE A 172 -1.63 14.60 -0.02
C PHE A 172 -1.65 15.98 0.63
N ASN A 173 -1.65 17.05 -0.18
CA ASN A 173 -1.59 18.39 0.37
C ASN A 173 -2.85 18.77 1.12
N ALA A 174 -3.98 18.13 0.84
CA ALA A 174 -5.19 18.40 1.60
C ALA A 174 -5.10 17.94 3.05
N LEU A 175 -4.10 17.11 3.39
CA LEU A 175 -3.87 16.78 4.79
C LEU A 175 -3.30 17.96 5.57
N GLU A 176 -2.74 18.96 4.87
CA GLU A 176 -2.27 20.20 5.50
C GLU A 176 -1.19 19.93 6.55
N LEU A 177 -0.20 19.13 6.16
CA LEU A 177 0.93 18.84 7.02
C LEU A 177 1.98 19.95 6.88
N ASP A 178 2.71 20.22 7.97
CA ASP A 178 3.81 21.15 7.93
C ASP A 178 5.12 20.41 8.11
N ASP A 179 6.22 21.17 7.99
CA ASP A 179 7.55 20.56 7.93
C ASP A 179 7.84 19.74 9.19
N SER A 180 7.36 20.20 10.34
CA SER A 180 7.62 19.46 11.58
C SER A 180 6.91 18.11 11.58
N ASP A 181 5.73 18.02 10.99
CA ASP A 181 5.08 16.71 10.82
C ASP A 181 5.85 15.87 9.81
N LEU A 182 6.19 16.45 8.67
CA LEU A 182 6.83 15.69 7.61
C LEU A 182 8.19 15.16 8.03
N ALA A 183 8.91 15.91 8.88
CA ALA A 183 10.23 15.44 9.31
C ALA A 183 10.13 14.05 9.94
N ILE A 184 9.12 13.82 10.77
CA ILE A 184 8.98 12.52 11.41
C ILE A 184 8.43 11.49 10.42
N PHE A 185 7.52 11.92 9.54
CA PHE A 185 6.90 10.99 8.60
C PHE A 185 7.93 10.37 7.67
N ILE A 186 8.86 11.18 7.15
CA ILE A 186 9.85 10.62 6.23
C ILE A 186 10.83 9.73 6.98
N ALA A 187 11.08 10.01 8.27
CA ALA A 187 11.89 9.10 9.06
C ALA A 187 11.20 7.76 9.23
N VAL A 188 9.88 7.78 9.50
CA VAL A 188 9.12 6.55 9.57
C VAL A 188 9.25 5.77 8.26
N ILE A 189 9.22 6.48 7.14
CA ILE A 189 9.32 5.82 5.83
C ILE A 189 10.66 5.09 5.71
N ILE A 190 11.75 5.79 6.03
CA ILE A 190 13.08 5.20 5.87
C ILE A 190 13.19 3.91 6.68
N LEU A 191 12.73 3.94 7.93
CA LEU A 191 12.93 2.84 8.87
C LEU A 191 11.82 1.80 8.73
N SER A 192 11.62 1.32 7.50
CA SER A 192 10.58 0.33 7.22
C SER A 192 11.21 -1.05 7.32
N GLY A 193 10.75 -1.79 8.29
CA GLY A 193 11.09 -3.19 8.35
C GLY A 193 10.65 -4.14 7.31
N ASP A 194 9.72 -3.77 6.47
CA ASP A 194 9.43 -4.73 5.41
C ASP A 194 10.33 -4.67 4.15
N ARG A 195 11.43 -3.92 4.16
CA ARG A 195 12.12 -3.77 2.88
C ARG A 195 12.73 -5.09 2.42
N PRO A 196 12.71 -5.40 1.12
CA PRO A 196 13.29 -6.67 0.66
C PRO A 196 14.79 -6.74 0.93
N GLY A 197 15.23 -7.91 1.39
CA GLY A 197 16.65 -8.18 1.55
C GLY A 197 17.26 -7.70 2.84
N LEU A 198 16.46 -7.20 3.78
CA LEU A 198 17.00 -6.72 5.05
C LEU A 198 17.50 -7.89 5.88
N LEU A 199 18.70 -7.73 6.46
CA LEU A 199 19.31 -8.83 7.18
C LEU A 199 18.81 -8.94 8.62
N ASN A 200 18.63 -7.80 9.30
CA ASN A 200 18.27 -7.79 10.71
C ASN A 200 17.10 -6.82 10.91
N VAL A 201 15.88 -7.38 10.93
CA VAL A 201 14.69 -6.56 10.90
C VAL A 201 14.34 -6.01 12.27
N LYS A 202 14.59 -6.78 13.33
CA LYS A 202 14.16 -6.35 14.66
C LYS A 202 14.70 -4.98 15.04
N PRO A 203 16.00 -4.69 14.91
CA PRO A 203 16.48 -3.36 15.31
C PRO A 203 15.85 -2.24 14.50
N ILE A 204 15.52 -2.50 13.23
CA ILE A 204 14.82 -1.49 12.43
C ILE A 204 13.42 -1.27 13.00
N GLU A 205 12.70 -2.36 13.29
CA GLU A 205 11.34 -2.24 13.79
C GLU A 205 11.30 -1.53 15.13
N ASP A 206 12.32 -1.74 15.98
CA ASP A 206 12.35 -1.06 17.26
C ASP A 206 12.45 0.45 17.07
N ILE A 207 13.28 0.90 16.13
CA ILE A 207 13.38 2.33 15.84
C ILE A 207 12.08 2.85 15.27
N GLN A 208 11.51 2.14 14.29
CA GLN A 208 10.26 2.63 13.70
C GLN A 208 9.16 2.73 14.74
N ASP A 209 9.11 1.78 15.68
CA ASP A 209 8.14 1.86 16.76
C ASP A 209 8.26 3.19 17.51
N ASN A 210 9.48 3.65 17.72
CA ASN A 210 9.71 4.90 18.43
C ASN A 210 9.31 6.10 17.58
N LEU A 211 9.65 6.07 16.29
CA LEU A 211 9.26 7.15 15.39
C LEU A 211 7.74 7.22 15.26
N LEU A 212 7.08 6.06 15.15
CA LEU A 212 5.63 6.06 15.04
C LEU A 212 4.98 6.65 16.28
N GLN A 213 5.50 6.32 17.47
CA GLN A 213 5.00 6.96 18.68
C GLN A 213 5.19 8.46 18.62
N ALA A 214 6.36 8.91 18.16
CA ALA A 214 6.64 10.34 18.10
C ALA A 214 5.72 11.04 17.11
N LEU A 215 5.45 10.40 15.97
CA LEU A 215 4.57 11.01 14.97
C LEU A 215 3.14 11.12 15.49
N GLU A 216 2.64 10.06 16.13
CA GLU A 216 1.28 10.08 16.68
C GLU A 216 1.11 11.25 17.64
N LEU A 217 2.03 11.40 18.60
CA LEU A 217 1.94 12.52 19.53
C LEU A 217 2.05 13.86 18.81
N GLN A 218 2.96 13.96 17.84
CA GLN A 218 3.13 15.20 17.11
C GLN A 218 1.83 15.61 16.42
N LEU A 219 1.17 14.67 15.75
CA LEU A 219 -0.05 15.00 15.02
C LEU A 219 -1.19 15.33 15.97
N LYS A 220 -1.25 14.64 17.12
CA LYS A 220 -2.28 14.96 18.10
C LYS A 220 -2.13 16.38 18.61
N LEU A 221 -0.89 16.80 18.90
CA LEU A 221 -0.68 18.13 19.45
C LEU A 221 -0.72 19.20 18.37
N ASN A 222 -0.23 18.88 17.16
CA ASN A 222 -0.15 19.90 16.12
C ASN A 222 -1.44 20.05 15.33
N HIS A 223 -2.26 18.99 15.26
CA HIS A 223 -3.55 19.03 14.55
C HIS A 223 -4.63 18.44 15.44
N PRO A 224 -4.96 19.09 16.54
CA PRO A 224 -5.87 18.48 17.53
C PRO A 224 -7.30 18.28 17.05
N GLU A 225 -7.79 19.14 16.11
CA GLU A 225 -9.13 19.01 15.53
C GLU A 225 -9.19 18.03 14.37
N SER A 226 -8.08 17.43 13.93
CA SER A 226 -8.05 16.64 12.68
C SER A 226 -8.15 15.16 13.03
N SER A 227 -9.36 14.62 12.97
CA SER A 227 -9.61 13.27 13.45
C SER A 227 -8.86 12.23 12.62
N GLN A 228 -8.19 11.30 13.30
CA GLN A 228 -7.53 10.17 12.67
C GLN A 228 -6.55 10.61 11.58
N LEU A 229 -5.89 11.75 11.77
CA LEU A 229 -4.88 12.18 10.81
C LEU A 229 -3.75 11.17 10.71
N PHE A 230 -3.31 10.66 11.86
CA PHE A 230 -2.27 9.64 11.93
C PHE A 230 -2.58 8.48 10.98
N ALA A 231 -3.76 7.87 11.13
CA ALA A 231 -4.11 6.75 10.26
C ALA A 231 -4.20 7.19 8.80
N LYS A 232 -4.82 8.34 8.54
CA LYS A 232 -4.95 8.81 7.16
C LYS A 232 -3.60 9.05 6.52
N LEU A 233 -2.63 9.56 7.29
CA LEU A 233 -1.29 9.76 6.74
C LEU A 233 -0.61 8.44 6.44
N LEU A 234 -0.74 7.47 7.35
CA LEU A 234 -0.14 6.15 7.11
C LEU A 234 -0.71 5.49 5.86
N GLN A 235 -2.00 5.71 5.59
CA GLN A 235 -2.59 5.13 4.39
C GLN A 235 -2.02 5.73 3.11
N LYS A 236 -1.42 6.92 3.18
CA LYS A 236 -0.82 7.52 1.99
C LYS A 236 0.41 6.76 1.52
N MET A 237 1.05 5.98 2.39
CA MET A 237 2.17 5.15 1.96
C MET A 237 1.75 4.21 0.85
N THR A 238 0.47 3.86 0.78
CA THR A 238 -0.02 3.04 -0.33
C THR A 238 0.12 3.81 -1.65
N ASP A 239 -0.28 5.08 -1.66
CA ASP A 239 -0.21 5.84 -2.90
C ASP A 239 1.23 6.06 -3.35
N LEU A 240 2.14 6.30 -2.41
CA LEU A 240 3.54 6.50 -2.77
C LEU A 240 4.12 5.24 -3.42
N ARG A 241 3.89 4.07 -2.79
CA ARG A 241 4.40 2.82 -3.31
C ARG A 241 3.98 2.62 -4.77
N GLN A 242 2.73 2.98 -5.10
CA GLN A 242 2.25 2.82 -6.47
C GLN A 242 2.86 3.84 -7.42
N ILE A 243 3.08 5.08 -6.97
CA ILE A 243 3.73 6.06 -7.81
C ILE A 243 5.11 5.56 -8.25
N VAL A 244 5.83 4.90 -7.35
CA VAL A 244 7.20 4.49 -7.64
C VAL A 244 7.21 3.39 -8.68
N THR A 245 6.42 2.34 -8.47
CA THR A 245 6.41 1.22 -9.41
C THR A 245 5.93 1.67 -10.79
N GLU A 246 4.95 2.57 -10.83
CA GLU A 246 4.52 3.13 -12.10
C GLU A 246 5.64 3.90 -12.78
N HIS A 247 6.43 4.64 -11.99
CA HIS A 247 7.53 5.41 -12.56
C HIS A 247 8.63 4.50 -13.10
N VAL A 248 8.99 3.47 -12.33
CA VAL A 248 10.04 2.56 -12.79
C VAL A 248 9.69 1.99 -14.16
N GLN A 249 8.41 1.68 -14.37
CA GLN A 249 8.00 1.07 -15.63
C GLN A 249 8.16 2.07 -16.77
N LEU A 250 7.78 3.33 -16.53
CA LEU A 250 7.96 4.35 -17.57
C LEU A 250 9.43 4.53 -17.91
N LEU A 251 10.31 4.42 -16.92
CA LEU A 251 11.74 4.61 -17.18
C LEU A 251 12.29 3.50 -18.06
N GLN A 252 11.79 2.27 -17.91
CA GLN A 252 12.23 1.19 -18.79
C GLN A 252 11.87 1.50 -20.24
N VAL A 253 10.69 2.08 -20.47
CA VAL A 253 10.29 2.45 -21.82
C VAL A 253 11.26 3.48 -22.39
N ILE A 254 11.51 4.55 -21.63
CA ILE A 254 12.41 5.60 -22.08
C ILE A 254 13.77 5.00 -22.43
N LYS A 255 14.23 4.06 -21.60
CA LYS A 255 15.52 3.41 -21.83
C LYS A 255 15.57 2.76 -23.19
N LYS A 256 14.55 1.98 -23.53
CA LYS A 256 14.58 1.15 -24.71
C LYS A 256 14.27 1.95 -25.96
N THR A 257 13.40 2.95 -25.86
CA THR A 257 13.07 3.74 -27.03
C THR A 257 14.12 4.80 -27.33
N GLU A 258 14.86 5.25 -26.32
CA GLU A 258 15.84 6.34 -26.46
C GLU A 258 17.20 5.80 -26.03
N THR A 259 17.85 5.05 -26.92
CA THR A 259 19.12 4.42 -26.56
C THR A 259 20.26 5.42 -26.44
N ASP A 260 20.07 6.68 -26.81
CA ASP A 260 21.11 7.69 -26.67
C ASP A 260 21.01 8.45 -25.36
N MET A 261 20.00 8.17 -24.54
CA MET A 261 19.86 8.86 -23.26
C MET A 261 20.55 8.10 -22.15
N SER A 262 21.08 8.86 -21.20
CA SER A 262 21.87 8.33 -20.10
C SER A 262 21.10 8.41 -18.79
N LEU A 263 21.11 7.32 -18.04
CA LEU A 263 20.61 7.28 -16.67
C LEU A 263 21.82 7.33 -15.74
N HIS A 264 21.78 8.19 -14.73
CA HIS A 264 22.98 8.37 -13.94
C HIS A 264 23.19 7.14 -13.05
N PRO A 265 24.42 6.68 -12.89
CA PRO A 265 24.67 5.45 -12.12
C PRO A 265 24.00 5.39 -10.75
N LEU A 266 23.82 6.49 -10.03
CA LEU A 266 23.21 6.40 -8.71
C LEU A 266 21.74 5.97 -8.81
N LEU A 267 20.96 6.66 -9.65
CA LEU A 267 19.56 6.28 -9.83
C LEU A 267 19.45 4.90 -10.45
N GLN A 268 20.37 4.57 -11.36
CA GLN A 268 20.36 3.25 -11.97
C GLN A 268 20.54 2.16 -10.92
N GLU A 269 21.46 2.36 -9.97
CA GLU A 269 21.67 1.36 -8.93
C GLU A 269 20.48 1.28 -7.97
N ILE A 270 19.83 2.41 -7.70
CA ILE A 270 18.66 2.39 -6.83
C ILE A 270 17.55 1.56 -7.46
N TYR A 271 17.43 1.63 -8.79
CA TYR A 271 16.35 0.94 -9.50
C TYR A 271 16.67 -0.50 -9.83
N LYS A 272 17.94 -0.91 -9.73
CA LYS A 272 18.30 -2.29 -10.05
C LYS A 272 17.56 -3.25 -9.12
N ASP A 273 16.89 -4.23 -9.73
CA ASP A 273 16.20 -5.29 -9.00
C ASP A 273 15.38 -4.74 -7.84
N LEU A 274 14.63 -3.67 -8.10
CA LEU A 274 13.88 -3.02 -7.03
C LEU A 274 12.65 -3.84 -6.65
N TYR A 275 11.69 -3.95 -7.57
CA TYR A 275 10.51 -4.78 -7.34
C TYR A 275 10.32 -5.76 -8.49
N PRO B 4 -18.90 7.07 26.94
CA PRO B 4 -19.89 7.65 26.02
C PRO B 4 -19.47 7.53 24.56
N GLU B 5 -18.44 8.28 24.14
CA GLU B 5 -17.87 8.02 22.82
C GLU B 5 -17.20 6.65 22.80
N SER B 6 -16.51 6.29 23.88
CA SER B 6 -15.94 4.96 23.98
C SER B 6 -17.02 3.89 23.98
N ALA B 7 -18.19 4.18 24.56
CA ALA B 7 -19.28 3.22 24.54
C ALA B 7 -19.69 2.90 23.11
N ASP B 8 -19.89 3.94 22.29
CA ASP B 8 -20.29 3.71 20.90
C ASP B 8 -19.22 2.94 20.13
N LEU B 9 -17.95 3.21 20.43
CA LEU B 9 -16.87 2.50 19.74
C LEU B 9 -16.87 1.02 20.12
N ARG B 10 -17.13 0.72 21.40
CA ARG B 10 -17.21 -0.68 21.81
C ARG B 10 -18.45 -1.35 21.22
N ALA B 11 -19.56 -0.61 21.12
CA ALA B 11 -20.77 -1.17 20.52
C ALA B 11 -20.56 -1.44 19.04
N LEU B 12 -19.82 -0.56 18.36
CA LEU B 12 -19.51 -0.81 16.95
C LEU B 12 -18.64 -2.06 16.79
N ALA B 13 -17.62 -2.20 17.64
CA ALA B 13 -16.75 -3.37 17.56
C ALA B 13 -17.53 -4.66 17.78
N LYS B 14 -18.36 -4.70 18.82
CA LYS B 14 -19.16 -5.88 19.10
C LYS B 14 -20.10 -6.19 17.94
N HIS B 15 -20.74 -5.15 17.39
CA HIS B 15 -21.66 -5.35 16.28
C HIS B 15 -20.95 -5.98 15.08
N LEU B 16 -19.76 -5.47 14.74
CA LEU B 16 -19.04 -6.02 13.60
C LEU B 16 -18.56 -7.44 13.88
N TYR B 17 -18.11 -7.71 15.11
CA TYR B 17 -17.71 -9.06 15.46
C TYR B 17 -18.87 -10.04 15.29
N ASP B 18 -20.01 -9.73 15.93
CA ASP B 18 -21.19 -10.58 15.80
C ASP B 18 -21.54 -10.84 14.34
N SER B 19 -21.49 -9.80 13.50
CA SER B 19 -21.83 -9.95 12.09
C SER B 19 -20.76 -10.73 11.33
N TYR B 20 -19.50 -10.57 11.74
CA TYR B 20 -18.39 -11.34 11.18
C TYR B 20 -18.58 -12.82 11.44
N ILE B 21 -19.02 -13.18 12.65
CA ILE B 21 -19.26 -14.58 12.97
C ILE B 21 -20.38 -15.15 12.09
N LYS B 22 -21.42 -14.35 11.86
CA LYS B 22 -22.58 -14.85 11.12
C LYS B 22 -22.29 -15.01 9.64
N SER B 23 -21.41 -14.18 9.08
CA SER B 23 -21.19 -14.18 7.64
C SER B 23 -20.05 -15.09 7.20
N PHE B 24 -19.06 -15.31 8.06
CA PHE B 24 -17.91 -16.11 7.69
C PHE B 24 -17.87 -17.38 8.53
N PRO B 25 -18.18 -18.55 7.95
CA PRO B 25 -18.31 -19.75 8.81
C PRO B 25 -17.01 -20.19 9.45
N LEU B 26 -15.90 -20.18 8.71
CA LEU B 26 -14.61 -20.65 9.24
C LEU B 26 -13.84 -19.45 9.77
N THR B 27 -13.92 -19.23 11.08
CA THR B 27 -13.26 -18.10 11.71
C THR B 27 -11.76 -18.39 11.87
N LYS B 28 -11.00 -17.34 12.17
CA LYS B 28 -9.57 -17.55 12.41
C LYS B 28 -9.35 -18.45 13.61
N ALA B 29 -10.14 -18.26 14.68
CA ALA B 29 -10.00 -19.10 15.86
C ALA B 29 -10.17 -20.58 15.52
N LYS B 30 -11.18 -20.90 14.71
CA LYS B 30 -11.39 -22.28 14.30
C LYS B 30 -10.26 -22.76 13.40
N ALA B 31 -9.86 -21.94 12.43
CA ALA B 31 -8.76 -22.32 11.55
C ALA B 31 -7.48 -22.55 12.34
N ARG B 32 -7.17 -21.66 13.29
CA ARG B 32 -5.98 -21.83 14.09
C ARG B 32 -5.98 -23.17 14.79
N ALA B 33 -7.10 -23.54 15.41
CA ALA B 33 -7.15 -24.79 16.16
C ALA B 33 -6.87 -25.98 15.25
N ILE B 34 -7.43 -25.98 14.04
CA ILE B 34 -7.17 -27.07 13.10
C ILE B 34 -5.69 -27.10 12.75
N LEU B 35 -5.14 -25.95 12.39
CA LEU B 35 -3.73 -25.88 12.01
C LEU B 35 -2.81 -26.30 13.14
N THR B 36 -3.28 -26.26 14.39
CA THR B 36 -2.45 -26.67 15.54
C THR B 36 -2.68 -28.14 15.85
N GLY B 37 -3.86 -28.49 16.34
CA GLY B 37 -4.18 -29.85 16.71
C GLY B 37 -5.51 -29.95 17.43
N LYS B 42 -10.22 -34.03 14.60
CA LYS B 42 -10.54 -34.38 13.22
C LYS B 42 -9.54 -33.74 12.27
N SER B 43 -8.49 -34.47 11.93
CA SER B 43 -7.38 -33.91 11.17
C SER B 43 -7.79 -33.73 9.71
N PRO B 44 -7.23 -32.72 9.03
CA PRO B 44 -7.59 -32.50 7.63
C PRO B 44 -6.88 -33.45 6.68
N PHE B 45 -7.57 -33.78 5.60
CA PHE B 45 -6.93 -34.49 4.49
C PHE B 45 -5.86 -33.60 3.88
N VAL B 46 -4.65 -34.11 3.76
CA VAL B 46 -3.51 -33.32 3.32
C VAL B 46 -3.21 -33.62 1.86
N ILE B 47 -2.96 -32.58 1.09
CA ILE B 47 -2.66 -32.69 -0.34
C ILE B 47 -1.25 -32.14 -0.54
N TYR B 48 -0.29 -33.04 -0.75
CA TYR B 48 1.11 -32.67 -0.83
C TYR B 48 1.73 -32.99 -2.19
N ASP B 49 1.02 -33.66 -3.08
CA ASP B 49 1.57 -34.03 -4.38
C ASP B 49 0.41 -34.42 -5.30
N MET B 50 0.76 -34.78 -6.53
CA MET B 50 -0.26 -35.10 -7.52
C MET B 50 -1.15 -36.25 -7.06
N ASN B 51 -0.54 -37.32 -6.52
CA ASN B 51 -1.32 -38.50 -6.17
C ASN B 51 -2.30 -38.21 -5.04
N SER B 52 -1.85 -37.51 -3.99
CA SER B 52 -2.75 -37.15 -2.91
C SER B 52 -3.86 -36.22 -3.39
N LEU B 53 -3.57 -35.40 -4.41
CA LEU B 53 -4.63 -34.55 -4.97
C LEU B 53 -5.69 -35.40 -5.67
N MET B 54 -5.25 -36.28 -6.57
CA MET B 54 -6.18 -37.21 -7.21
C MET B 54 -7.02 -37.95 -6.18
N MET B 55 -6.36 -38.59 -5.22
CA MET B 55 -7.08 -39.32 -4.19
C MET B 55 -8.00 -38.39 -3.41
N GLY B 56 -7.71 -37.09 -3.41
CA GLY B 56 -8.50 -36.14 -2.68
C GLY B 56 -9.73 -35.68 -3.44
N GLU B 57 -10.65 -36.61 -3.74
CA GLU B 57 -11.98 -36.20 -4.18
C GLU B 57 -12.76 -35.57 -3.03
N ASP B 58 -12.20 -35.57 -1.82
CA ASP B 58 -12.73 -34.77 -0.72
C ASP B 58 -12.51 -33.28 -0.93
N LYS B 59 -11.73 -32.89 -1.95
CA LYS B 59 -11.66 -31.51 -2.38
C LYS B 59 -12.89 -31.10 -3.18
N ILE B 60 -13.80 -32.04 -3.47
CA ILE B 60 -15.05 -31.79 -4.17
C ILE B 60 -14.79 -31.12 -5.51
N LYS B 61 -13.91 -31.72 -6.31
CA LYS B 61 -13.49 -31.10 -7.57
C LYS B 61 -14.52 -31.28 -8.68
N PHE B 62 -15.23 -32.41 -8.69
CA PHE B 62 -16.27 -32.61 -9.68
C PHE B 62 -17.42 -31.63 -9.45
N LYS B 63 -17.53 -31.13 -8.25
CA LYS B 63 -18.61 -30.23 -7.87
C LYS B 63 -18.20 -28.78 -7.97
N HIS B 64 -16.98 -28.46 -7.64
CA HIS B 64 -16.67 -27.07 -7.39
C HIS B 64 -15.97 -26.63 -8.70
N ILE B 65 -15.95 -27.60 -9.66
CA ILE B 65 -15.44 -27.52 -11.02
C ILE B 65 -16.28 -28.38 -11.96
N THR B 66 -16.18 -28.07 -13.26
CA THR B 66 -17.00 -28.71 -14.29
C THR B 66 -16.27 -29.89 -14.94
N PRO B 67 -16.95 -31.00 -15.25
CA PRO B 67 -16.31 -32.06 -16.05
C PRO B 67 -16.31 -31.65 -17.51
N LEU B 68 -15.16 -31.77 -18.16
CA LEU B 68 -15.03 -31.32 -19.54
C LEU B 68 -15.38 -29.83 -19.64
N LYS B 73 -8.76 -32.43 -17.50
CA LYS B 73 -7.88 -31.28 -17.72
C LYS B 73 -6.66 -31.39 -16.81
N GLU B 74 -5.59 -30.68 -17.15
CA GLU B 74 -4.36 -30.80 -16.38
C GLU B 74 -4.56 -30.27 -14.96
N VAL B 75 -3.73 -30.77 -14.05
CA VAL B 75 -3.89 -30.50 -12.62
C VAL B 75 -3.95 -29.00 -12.35
N ALA B 76 -2.98 -28.26 -12.90
CA ALA B 76 -2.85 -26.85 -12.55
C ALA B 76 -4.10 -26.07 -12.91
N ILE B 77 -4.64 -26.30 -14.11
CA ILE B 77 -5.86 -25.61 -14.53
C ILE B 77 -7.00 -25.93 -13.57
N ARG B 78 -7.16 -27.21 -13.24
CA ARG B 78 -8.28 -27.64 -12.38
C ARG B 78 -8.18 -27.01 -11.00
N ILE B 79 -6.96 -26.92 -10.46
CA ILE B 79 -6.79 -26.26 -9.16
C ILE B 79 -7.18 -24.79 -9.26
N PHE B 80 -6.71 -24.13 -10.32
CA PHE B 80 -7.05 -22.71 -10.54
C PHE B 80 -8.55 -22.51 -10.58
N GLN B 81 -9.27 -23.37 -11.31
CA GLN B 81 -10.72 -23.24 -11.38
C GLN B 81 -11.35 -23.44 -10.01
N GLY B 82 -10.79 -24.33 -9.20
CA GLY B 82 -11.29 -24.50 -7.84
C GLY B 82 -11.14 -23.25 -7.00
N CYS B 83 -9.98 -22.58 -7.09
CA CYS B 83 -9.79 -21.35 -6.35
C CYS B 83 -10.79 -20.29 -6.79
N GLN B 84 -11.09 -20.23 -8.09
CA GLN B 84 -12.08 -19.26 -8.58
C GLN B 84 -13.45 -19.54 -7.97
N PHE B 85 -13.85 -20.80 -7.88
CA PHE B 85 -15.12 -21.13 -7.25
C PHE B 85 -15.13 -20.67 -5.79
N ARG B 86 -14.03 -20.90 -5.08
CA ARG B 86 -13.95 -20.48 -3.68
C ARG B 86 -14.04 -18.96 -3.56
N SER B 87 -13.39 -18.24 -4.47
CA SER B 87 -13.42 -16.78 -4.43
C SER B 87 -14.83 -16.26 -4.70
N MET B 88 -15.55 -16.90 -5.62
CA MET B 88 -16.94 -16.52 -5.88
CA MET B 88 -16.93 -16.49 -5.87
C MET B 88 -17.78 -16.66 -4.62
N GLU B 89 -17.55 -17.73 -3.86
CA GLU B 89 -18.27 -17.90 -2.59
C GLU B 89 -17.90 -16.80 -1.60
N ALA B 90 -16.61 -16.48 -1.50
CA ALA B 90 -16.17 -15.47 -0.53
C ALA B 90 -16.75 -14.10 -0.86
N VAL B 91 -16.85 -13.77 -2.15
CA VAL B 91 -17.38 -12.46 -2.53
C VAL B 91 -18.75 -12.24 -1.92
N GLN B 92 -19.59 -13.28 -1.91
CA GLN B 92 -20.95 -13.11 -1.38
C GLN B 92 -20.97 -13.07 0.14
N GLU B 93 -20.07 -13.79 0.81
CA GLU B 93 -19.94 -13.64 2.24
C GLU B 93 -19.50 -12.22 2.60
N ILE B 94 -18.52 -11.69 1.86
CA ILE B 94 -18.05 -10.34 2.11
C ILE B 94 -19.16 -9.33 1.85
N THR B 95 -19.91 -9.52 0.76
CA THR B 95 -21.00 -8.60 0.44
C THR B 95 -22.02 -8.56 1.57
N GLU B 96 -22.43 -9.73 2.05
CA GLU B 96 -23.35 -9.78 3.18
C GLU B 96 -22.80 -9.02 4.37
N TYR B 97 -21.52 -9.27 4.70
CA TYR B 97 -20.91 -8.58 5.82
C TYR B 97 -20.90 -7.07 5.63
N ALA B 98 -20.55 -6.62 4.43
CA ALA B 98 -20.49 -5.17 4.17
C ALA B 98 -21.83 -4.51 4.48
N LYS B 99 -22.93 -5.15 4.10
CA LYS B 99 -24.24 -4.56 4.31
C LYS B 99 -24.58 -4.43 5.80
N SER B 100 -23.86 -5.14 6.67
CA SER B 100 -24.07 -5.00 8.10
C SER B 100 -23.28 -3.86 8.72
N ILE B 101 -22.36 -3.25 7.97
CA ILE B 101 -21.55 -2.16 8.52
C ILE B 101 -22.42 -0.92 8.64
N PRO B 102 -22.56 -0.33 9.82
CA PRO B 102 -23.42 0.86 9.96
C PRO B 102 -23.07 1.94 8.95
N GLY B 103 -24.08 2.37 8.19
CA GLY B 103 -23.95 3.41 7.21
C GLY B 103 -23.75 2.94 5.79
N PHE B 104 -23.29 1.70 5.59
CA PHE B 104 -22.90 1.25 4.25
C PHE B 104 -24.09 1.23 3.31
N VAL B 105 -25.21 0.63 3.73
CA VAL B 105 -26.34 0.48 2.82
C VAL B 105 -27.04 1.79 2.53
N ASN B 106 -26.77 2.83 3.32
CA ASN B 106 -27.32 4.15 3.11
C ASN B 106 -26.46 4.98 2.18
N LEU B 107 -25.35 4.43 1.68
CA LEU B 107 -24.54 5.08 0.69
C LEU B 107 -25.20 4.97 -0.69
N ASP B 108 -24.80 5.86 -1.59
CA ASP B 108 -25.18 5.76 -3.00
C ASP B 108 -24.97 4.33 -3.50
N LEU B 109 -25.98 3.78 -4.17
CA LEU B 109 -25.87 2.36 -4.51
C LEU B 109 -24.71 2.11 -5.46
N ASN B 110 -24.47 3.03 -6.39
CA ASN B 110 -23.30 2.92 -7.27
C ASN B 110 -22.01 2.88 -6.46
N ASP B 111 -21.95 3.64 -5.37
CA ASP B 111 -20.76 3.66 -4.55
C ASP B 111 -20.60 2.36 -3.76
N GLN B 112 -21.71 1.78 -3.30
CA GLN B 112 -21.65 0.47 -2.68
C GLN B 112 -21.04 -0.55 -3.63
N VAL B 113 -21.47 -0.53 -4.90
CA VAL B 113 -20.95 -1.48 -5.87
C VAL B 113 -19.47 -1.25 -6.10
N THR B 114 -19.06 0.02 -6.18
CA THR B 114 -17.66 0.33 -6.44
C THR B 114 -16.77 -0.08 -5.27
N LEU B 115 -17.23 0.15 -4.04
CA LEU B 115 -16.43 -0.22 -2.87
C LEU B 115 -16.23 -1.73 -2.80
N LEU B 116 -17.27 -2.50 -3.10
CA LEU B 116 -17.14 -3.96 -3.09
C LEU B 116 -16.25 -4.42 -4.24
N LYS B 117 -16.47 -3.87 -5.44
CA LYS B 117 -15.70 -4.33 -6.60
C LYS B 117 -14.20 -4.22 -6.36
N TYR B 118 -13.75 -3.10 -5.78
CA TYR B 118 -12.32 -2.88 -5.58
C TYR B 118 -11.84 -3.33 -4.20
N GLY B 119 -12.74 -3.74 -3.33
CA GLY B 119 -12.35 -4.13 -1.98
C GLY B 119 -12.20 -5.62 -1.79
N VAL B 120 -12.88 -6.42 -2.60
CA VAL B 120 -13.02 -7.85 -2.28
C VAL B 120 -11.69 -8.57 -2.41
N HIS B 121 -10.85 -8.19 -3.39
CA HIS B 121 -9.56 -8.86 -3.52
C HIS B 121 -8.72 -8.63 -2.27
N GLU B 122 -8.70 -7.40 -1.75
CA GLU B 122 -7.96 -7.11 -0.53
C GLU B 122 -8.50 -7.93 0.64
N ILE B 123 -9.84 -8.01 0.76
CA ILE B 123 -10.43 -8.75 1.87
C ILE B 123 -10.12 -10.23 1.73
N ILE B 124 -10.23 -10.78 0.51
CA ILE B 124 -10.06 -12.22 0.32
C ILE B 124 -8.69 -12.66 0.84
N TYR B 125 -7.64 -11.92 0.50
CA TYR B 125 -6.29 -12.32 0.84
C TYR B 125 -5.91 -11.94 2.26
N THR B 126 -6.60 -10.96 2.86
CA THR B 126 -6.48 -10.75 4.30
C THR B 126 -7.01 -11.95 5.06
N MET B 127 -8.23 -12.38 4.73
CA MET B 127 -8.85 -13.49 5.45
C MET B 127 -8.23 -14.82 5.08
N LEU B 128 -7.69 -14.94 3.86
CA LEU B 128 -7.00 -16.17 3.49
C LEU B 128 -5.82 -16.43 4.41
N ALA B 129 -5.14 -15.37 4.87
CA ALA B 129 -4.04 -15.55 5.80
C ALA B 129 -4.49 -16.23 7.08
N SER B 130 -5.74 -16.00 7.50
CA SER B 130 -6.25 -16.66 8.69
C SER B 130 -6.17 -18.17 8.56
N LEU B 131 -6.23 -18.69 7.34
CA LEU B 131 -6.25 -20.12 7.08
C LEU B 131 -4.89 -20.66 6.65
N MET B 132 -3.83 -19.86 6.76
CA MET B 132 -2.51 -20.25 6.29
C MET B 132 -1.52 -20.27 7.45
N ASN B 133 -0.58 -21.21 7.41
CA ASN B 133 0.68 -21.09 8.11
C ASN B 133 1.80 -21.07 7.05
N LYS B 134 3.05 -21.15 7.50
CA LYS B 134 4.15 -21.06 6.56
C LYS B 134 4.29 -22.31 5.68
N ASP B 135 3.54 -23.37 5.95
CA ASP B 135 3.68 -24.61 5.21
C ASP B 135 2.47 -24.98 4.36
N GLY B 136 1.33 -24.33 4.54
CA GLY B 136 0.17 -24.69 3.73
C GLY B 136 -1.04 -23.87 4.10
N VAL B 137 -2.15 -24.20 3.44
CA VAL B 137 -3.41 -23.47 3.59
C VAL B 137 -4.56 -24.45 3.70
N LEU B 138 -5.47 -24.18 4.62
CA LEU B 138 -6.69 -24.95 4.74
C LEU B 138 -7.57 -24.73 3.51
N ILE B 139 -8.25 -25.78 3.07
CA ILE B 139 -9.16 -25.72 1.94
C ILE B 139 -10.45 -26.44 2.31
N SER B 140 -11.46 -26.27 1.47
CA SER B 140 -12.73 -26.98 1.58
C SER B 140 -13.26 -26.95 3.01
N GLU B 141 -13.52 -25.74 3.50
CA GLU B 141 -14.16 -25.54 4.80
C GLU B 141 -13.29 -26.04 5.94
N GLY B 142 -11.97 -26.06 5.73
CA GLY B 142 -11.06 -26.55 6.73
C GLY B 142 -10.94 -28.06 6.81
N GLN B 143 -11.62 -28.78 5.92
CA GLN B 143 -11.50 -30.24 5.90
C GLN B 143 -10.23 -30.71 5.22
N GLY B 144 -9.57 -29.84 4.43
CA GLY B 144 -8.36 -30.21 3.75
C GLY B 144 -7.25 -29.22 4.02
N PHE B 145 -6.04 -29.59 3.59
CA PHE B 145 -4.84 -28.79 3.78
C PHE B 145 -3.95 -29.02 2.58
N MET B 146 -3.72 -27.98 1.79
CA MET B 146 -2.86 -28.06 0.61
C MET B 146 -1.54 -27.40 0.92
N THR B 147 -0.45 -28.14 0.69
CA THR B 147 0.86 -27.67 1.12
C THR B 147 1.38 -26.56 0.21
N ARG B 148 2.19 -25.69 0.80
CA ARG B 148 2.80 -24.60 0.04
C ARG B 148 3.74 -25.13 -1.03
N GLU B 149 4.44 -26.22 -0.74
CA GLU B 149 5.39 -26.77 -1.70
C GLU B 149 4.69 -27.31 -2.94
N PHE B 150 3.55 -27.99 -2.73
CA PHE B 150 2.80 -28.52 -3.86
C PHE B 150 2.36 -27.40 -4.80
N LEU B 151 1.78 -26.33 -4.24
CA LEU B 151 1.32 -25.22 -5.07
C LEU B 151 2.48 -24.58 -5.82
N LYS B 152 3.61 -24.37 -5.13
CA LYS B 152 4.78 -23.82 -5.80
C LYS B 152 5.27 -24.70 -6.94
N SER B 153 4.87 -25.99 -6.97
CA SER B 153 5.38 -26.93 -7.95
C SER B 153 4.54 -26.98 -9.23
N LEU B 154 3.50 -26.16 -9.33
CA LEU B 154 2.64 -26.16 -10.50
C LEU B 154 3.35 -25.50 -11.69
N ARG B 155 2.97 -25.90 -12.90
CA ARG B 155 3.68 -25.51 -14.13
C ARG B 155 3.32 -24.08 -14.53
N LYS B 156 4.14 -23.51 -15.40
CA LYS B 156 3.86 -22.25 -16.10
C LYS B 156 3.44 -21.11 -15.17
N PRO B 157 2.38 -20.33 -15.41
CA PRO B 157 2.12 -19.19 -14.51
C PRO B 157 1.46 -19.58 -13.21
N PHE B 158 0.95 -20.81 -13.11
CA PHE B 158 0.15 -21.21 -11.96
C PHE B 158 0.99 -21.47 -10.72
N GLY B 159 2.31 -21.64 -10.88
CA GLY B 159 3.15 -21.95 -9.75
C GLY B 159 3.50 -20.76 -8.88
N ASP B 160 3.30 -19.54 -9.37
CA ASP B 160 3.60 -18.36 -8.59
C ASP B 160 2.32 -17.59 -8.29
N PHE B 161 1.18 -18.27 -8.43
CA PHE B 161 -0.13 -17.77 -8.02
C PHE B 161 -0.17 -17.53 -6.53
N MET B 162 0.08 -18.57 -5.74
CA MET B 162 -0.19 -18.53 -4.30
C MET B 162 1.01 -18.08 -3.48
N GLU B 163 2.22 -18.30 -3.96
CA GLU B 163 3.41 -18.00 -3.16
C GLU B 163 3.43 -16.56 -2.64
N PRO B 164 3.15 -15.54 -3.45
CA PRO B 164 3.12 -14.17 -2.89
C PRO B 164 2.14 -14.03 -1.75
N LYS B 165 1.05 -14.80 -1.75
CA LYS B 165 0.07 -14.71 -0.67
C LYS B 165 0.61 -15.34 0.61
N PHE B 166 1.36 -16.44 0.48
CA PHE B 166 2.00 -17.05 1.64
C PHE B 166 2.99 -16.07 2.28
N GLU B 167 3.82 -15.44 1.46
CA GLU B 167 4.78 -14.47 1.99
C GLU B 167 4.07 -13.39 2.79
N PHE B 168 2.97 -12.87 2.26
CA PHE B 168 2.20 -11.87 3.00
C PHE B 168 1.64 -12.46 4.29
N ALA B 169 1.02 -13.64 4.19
CA ALA B 169 0.35 -14.24 5.34
C ALA B 169 1.32 -14.48 6.49
N VAL B 170 2.57 -14.84 6.20
CA VAL B 170 3.54 -15.06 7.26
C VAL B 170 3.82 -13.75 7.99
N LYS B 171 4.09 -12.68 7.23
CA LYS B 171 4.27 -11.37 7.85
C LYS B 171 3.01 -10.94 8.59
N PHE B 172 1.86 -11.04 7.93
CA PHE B 172 0.61 -10.53 8.51
C PHE B 172 0.26 -11.27 9.79
N ASN B 173 0.47 -12.59 9.82
CA ASN B 173 0.06 -13.38 10.97
C ASN B 173 0.94 -13.16 12.18
N ALA B 174 2.17 -12.65 11.99
CA ALA B 174 3.03 -12.33 13.13
C ALA B 174 2.43 -11.24 14.01
N LEU B 175 1.40 -10.54 13.53
CA LEU B 175 0.71 -9.54 14.32
C LEU B 175 -0.22 -10.17 15.36
N GLU B 176 -0.60 -11.43 15.16
CA GLU B 176 -1.41 -12.18 16.13
C GLU B 176 -2.74 -11.49 16.41
N LEU B 177 -3.39 -11.04 15.35
CA LEU B 177 -4.76 -10.53 15.45
C LEU B 177 -5.72 -11.70 15.66
N ASP B 178 -6.85 -11.42 16.29
CA ASP B 178 -7.93 -12.39 16.41
C ASP B 178 -9.15 -11.88 15.63
N ASP B 179 -10.23 -12.67 15.67
CA ASP B 179 -11.40 -12.38 14.84
C ASP B 179 -12.01 -11.03 15.20
N SER B 180 -12.04 -10.69 16.49
CA SER B 180 -12.65 -9.43 16.90
C SER B 180 -11.88 -8.25 16.31
N ASP B 181 -10.55 -8.35 16.26
CA ASP B 181 -9.73 -7.32 15.64
C ASP B 181 -9.95 -7.30 14.13
N LEU B 182 -9.93 -8.48 13.52
CA LEU B 182 -10.03 -8.59 12.08
C LEU B 182 -11.37 -8.08 11.57
N ALA B 183 -12.45 -8.27 12.34
CA ALA B 183 -13.75 -7.79 11.94
C ALA B 183 -13.73 -6.30 11.63
N ILE B 184 -13.10 -5.50 12.51
CA ILE B 184 -13.05 -4.07 12.28
C ILE B 184 -12.14 -3.73 11.11
N PHE B 185 -10.96 -4.37 11.07
CA PHE B 185 -10.01 -4.14 10.00
C PHE B 185 -10.64 -4.34 8.63
N ILE B 186 -11.44 -5.39 8.48
CA ILE B 186 -12.04 -5.67 7.19
C ILE B 186 -13.01 -4.56 6.80
N ALA B 187 -13.77 -4.06 7.77
CA ALA B 187 -14.67 -2.95 7.49
C ALA B 187 -13.90 -1.70 7.06
N VAL B 188 -12.75 -1.46 7.69
CA VAL B 188 -11.92 -0.32 7.31
C VAL B 188 -11.53 -0.42 5.84
N ILE B 189 -11.13 -1.62 5.39
CA ILE B 189 -10.72 -1.79 4.00
C ILE B 189 -11.87 -1.49 3.05
N ILE B 190 -13.08 -1.94 3.39
CA ILE B 190 -14.20 -1.78 2.47
C ILE B 190 -14.55 -0.31 2.29
N LEU B 191 -14.50 0.46 3.37
CA LEU B 191 -14.84 1.88 3.35
C LEU B 191 -13.64 2.74 2.95
N SER B 192 -13.01 2.40 1.83
CA SER B 192 -11.87 3.16 1.32
C SER B 192 -12.39 4.22 0.34
N GLY B 193 -12.15 5.48 0.66
CA GLY B 193 -12.62 6.58 -0.15
C GLY B 193 -11.81 6.89 -1.38
N ASP B 194 -10.70 6.18 -1.61
CA ASP B 194 -9.85 6.44 -2.77
C ASP B 194 -10.10 5.47 -3.91
N ARG B 195 -11.18 4.70 -3.86
CA ARG B 195 -11.50 3.80 -4.96
C ARG B 195 -11.91 4.60 -6.20
N PRO B 196 -11.53 4.16 -7.39
CA PRO B 196 -11.86 4.94 -8.59
C PRO B 196 -13.35 4.99 -8.84
N GLY B 197 -13.83 6.15 -9.26
CA GLY B 197 -15.20 6.30 -9.71
C GLY B 197 -16.22 6.56 -8.62
N LEU B 198 -15.80 6.79 -7.39
CA LEU B 198 -16.75 7.06 -6.32
C LEU B 198 -17.42 8.41 -6.55
N LEU B 199 -18.72 8.48 -6.26
CA LEU B 199 -19.50 9.68 -6.53
C LEU B 199 -19.67 10.60 -5.33
N ASN B 200 -19.63 10.07 -4.11
CA ASN B 200 -19.82 10.88 -2.89
C ASN B 200 -18.85 10.35 -1.83
N VAL B 201 -17.61 10.85 -1.88
CA VAL B 201 -16.57 10.32 -1.01
C VAL B 201 -16.80 10.68 0.45
N LYS B 202 -17.53 11.77 0.73
CA LYS B 202 -17.57 12.27 2.10
C LYS B 202 -18.14 11.24 3.09
N PRO B 203 -19.36 10.73 2.89
CA PRO B 203 -19.89 9.78 3.87
C PRO B 203 -19.01 8.55 4.05
N ILE B 204 -18.33 8.11 2.99
CA ILE B 204 -17.46 6.95 3.10
C ILE B 204 -16.32 7.23 4.07
N GLU B 205 -15.60 8.34 3.86
CA GLU B 205 -14.48 8.68 4.74
C GLU B 205 -14.95 8.97 6.16
N ASP B 206 -16.15 9.52 6.31
CA ASP B 206 -16.71 9.71 7.65
C ASP B 206 -16.90 8.36 8.34
N ILE B 207 -17.45 7.38 7.62
CA ILE B 207 -17.64 6.06 8.23
C ILE B 207 -16.29 5.42 8.54
N GLN B 208 -15.35 5.48 7.60
CA GLN B 208 -14.04 4.87 7.84
C GLN B 208 -13.34 5.53 9.02
N ASP B 209 -13.51 6.84 9.18
CA ASP B 209 -12.99 7.53 10.36
C ASP B 209 -13.52 6.88 11.63
N ASN B 210 -14.83 6.64 11.69
CA ASN B 210 -15.43 5.98 12.85
C ASN B 210 -14.88 4.58 13.03
N LEU B 211 -14.75 3.82 11.95
CA LEU B 211 -14.23 2.46 12.05
C LEU B 211 -12.79 2.47 12.54
N LEU B 212 -11.98 3.40 12.03
CA LEU B 212 -10.59 3.51 12.47
C LEU B 212 -10.53 3.79 13.97
N GLN B 213 -11.37 4.70 14.47
CA GLN B 213 -11.41 4.96 15.90
C GLN B 213 -11.76 3.69 16.67
N ALA B 214 -12.73 2.92 16.17
CA ALA B 214 -13.11 1.69 16.84
C ALA B 214 -11.96 0.68 16.79
N LEU B 215 -11.25 0.63 15.68
CA LEU B 215 -10.13 -0.30 15.55
C LEU B 215 -9.01 0.05 16.52
N GLU B 216 -8.74 1.35 16.68
CA GLU B 216 -7.67 1.80 17.57
C GLU B 216 -7.97 1.42 19.02
N LEU B 217 -9.19 1.69 19.48
CA LEU B 217 -9.58 1.32 20.84
C LEU B 217 -9.52 -0.19 21.02
N GLN B 218 -10.03 -0.95 20.05
CA GLN B 218 -10.03 -2.40 20.16
C GLN B 218 -8.62 -2.95 20.33
N LEU B 219 -7.67 -2.45 19.55
CA LEU B 219 -6.32 -2.97 19.62
C LEU B 219 -5.63 -2.56 20.92
N LYS B 220 -5.96 -1.38 21.46
CA LYS B 220 -5.37 -0.96 22.73
C LYS B 220 -5.90 -1.81 23.89
N LEU B 221 -7.20 -2.14 23.86
CA LEU B 221 -7.77 -2.96 24.90
C LEU B 221 -7.38 -4.44 24.73
N ASN B 222 -7.36 -4.92 23.49
CA ASN B 222 -7.11 -6.34 23.25
C ASN B 222 -5.63 -6.69 23.27
N HIS B 223 -4.76 -5.75 22.92
CA HIS B 223 -3.32 -5.98 22.89
C HIS B 223 -2.60 -4.84 23.61
N PRO B 224 -2.87 -4.64 24.89
CA PRO B 224 -2.28 -3.49 25.60
C PRO B 224 -0.76 -3.48 25.57
N GLU B 225 -0.13 -4.63 25.41
CA GLU B 225 1.32 -4.74 25.44
C GLU B 225 1.97 -4.58 24.06
N SER B 226 1.19 -4.57 22.99
CA SER B 226 1.70 -4.61 21.63
C SER B 226 1.81 -3.18 21.12
N SER B 227 3.03 -2.65 21.14
CA SER B 227 3.24 -1.24 20.85
C SER B 227 2.96 -0.93 19.39
N GLN B 228 2.12 0.09 19.16
CA GLN B 228 1.87 0.63 17.83
C GLN B 228 1.34 -0.42 16.86
N LEU B 229 0.57 -1.39 17.38
CA LEU B 229 -0.01 -2.40 16.52
C LEU B 229 -0.98 -1.76 15.51
N PHE B 230 -1.73 -0.75 15.95
CA PHE B 230 -2.60 0.00 15.04
C PHE B 230 -1.82 0.49 13.83
N ALA B 231 -0.72 1.20 14.06
CA ALA B 231 0.09 1.70 12.95
C ALA B 231 0.62 0.57 12.08
N LYS B 232 1.13 -0.50 12.71
CA LYS B 232 1.71 -1.59 11.95
C LYS B 232 0.66 -2.28 11.08
N LEU B 233 -0.57 -2.43 11.62
CA LEU B 233 -1.64 -3.03 10.82
C LEU B 233 -1.96 -2.18 9.60
N LEU B 234 -2.02 -0.86 9.77
CA LEU B 234 -2.31 0.02 8.65
C LEU B 234 -1.23 -0.06 7.59
N GLN B 235 0.04 -0.17 8.01
CA GLN B 235 1.13 -0.29 7.04
C GLN B 235 0.99 -1.55 6.20
N LYS B 236 0.35 -2.59 6.74
CA LYS B 236 0.15 -3.81 5.98
C LYS B 236 -0.75 -3.60 4.76
N MET B 237 -1.63 -2.59 4.79
CA MET B 237 -2.47 -2.32 3.62
C MET B 237 -1.61 -1.97 2.42
N THR B 238 -0.40 -1.46 2.64
CA THR B 238 0.50 -1.20 1.52
C THR B 238 0.94 -2.49 0.85
N ASP B 239 1.13 -3.55 1.64
CA ASP B 239 1.51 -4.85 1.07
C ASP B 239 0.33 -5.51 0.37
N LEU B 240 -0.85 -5.46 0.99
CA LEU B 240 -2.03 -6.02 0.34
C LEU B 240 -2.23 -5.43 -1.05
N ARG B 241 -2.14 -4.10 -1.16
CA ARG B 241 -2.39 -3.45 -2.45
C ARG B 241 -1.39 -3.91 -3.50
N GLN B 242 -0.13 -4.14 -3.11
CA GLN B 242 0.88 -4.64 -4.05
C GLN B 242 0.65 -6.11 -4.36
N ILE B 243 0.27 -6.91 -3.35
CA ILE B 243 -0.26 -8.26 -3.57
C ILE B 243 -1.41 -8.27 -4.58
N VAL B 244 -2.31 -7.29 -4.52
CA VAL B 244 -3.49 -7.36 -5.36
C VAL B 244 -3.19 -6.93 -6.79
N THR B 245 -2.38 -5.88 -6.96
CA THR B 245 -2.01 -5.44 -8.29
C THR B 245 -1.24 -6.53 -9.02
N GLU B 246 -0.25 -7.12 -8.35
CA GLU B 246 0.48 -8.26 -8.89
C GLU B 246 -0.46 -9.37 -9.31
N HIS B 247 -1.47 -9.65 -8.49
CA HIS B 247 -2.38 -10.75 -8.77
C HIS B 247 -3.21 -10.48 -10.02
N VAL B 248 -3.66 -9.24 -10.21
CA VAL B 248 -4.48 -8.92 -11.38
C VAL B 248 -3.68 -9.10 -12.66
N GLN B 249 -2.41 -8.68 -12.65
CA GLN B 249 -1.59 -8.82 -13.85
C GLN B 249 -1.39 -10.29 -14.20
N LEU B 250 -1.27 -11.16 -13.20
CA LEU B 250 -1.12 -12.59 -13.49
C LEU B 250 -2.40 -13.16 -14.11
N LEU B 251 -3.57 -12.64 -13.75
CA LEU B 251 -4.83 -13.12 -14.32
C LEU B 251 -4.98 -12.74 -15.80
N GLN B 252 -4.58 -11.52 -16.17
CA GLN B 252 -4.29 -11.08 -17.55
C GLN B 252 -3.31 -11.98 -18.29
N VAL B 253 -2.24 -12.51 -17.68
CA VAL B 253 -1.44 -13.46 -18.45
C VAL B 253 -2.19 -14.79 -18.63
N ILE B 254 -2.94 -15.21 -17.61
CA ILE B 254 -3.69 -16.45 -17.70
C ILE B 254 -4.83 -16.32 -18.71
N LYS B 255 -5.60 -15.25 -18.61
CA LYS B 255 -6.71 -15.04 -19.54
C LYS B 255 -6.25 -15.05 -20.98
N LYS B 256 -5.04 -14.52 -21.23
CA LYS B 256 -4.56 -14.43 -22.61
C LYS B 256 -4.03 -15.77 -23.11
N THR B 257 -3.34 -16.52 -22.27
CA THR B 257 -2.52 -17.64 -22.71
C THR B 257 -3.14 -19.01 -22.43
N GLU B 258 -4.09 -19.10 -21.50
CA GLU B 258 -4.68 -20.38 -21.11
C GLU B 258 -6.17 -20.39 -21.43
N THR B 259 -6.54 -19.87 -22.60
CA THR B 259 -7.93 -19.81 -23.00
C THR B 259 -8.38 -21.16 -23.56
N ASP B 260 -9.55 -21.62 -23.11
CA ASP B 260 -10.17 -22.85 -23.60
C ASP B 260 -11.32 -22.45 -24.50
N MET B 261 -11.13 -22.54 -25.83
CA MET B 261 -12.25 -22.12 -26.66
C MET B 261 -13.43 -23.09 -26.65
N SER B 262 -13.31 -24.23 -26.00
CA SER B 262 -14.44 -25.14 -25.84
C SER B 262 -15.23 -24.83 -24.57
N LEU B 263 -14.76 -23.92 -23.75
CA LEU B 263 -15.39 -23.62 -22.47
C LEU B 263 -16.84 -23.20 -22.66
N HIS B 264 -17.73 -23.83 -21.92
CA HIS B 264 -19.14 -23.47 -21.89
C HIS B 264 -19.32 -21.96 -21.79
N PRO B 265 -20.03 -21.32 -22.72
CA PRO B 265 -20.16 -19.86 -22.66
C PRO B 265 -20.78 -19.36 -21.37
N LEU B 266 -21.66 -20.14 -20.74
CA LEU B 266 -22.23 -19.71 -19.46
C LEU B 266 -21.18 -19.70 -18.36
N LEU B 267 -20.30 -20.71 -18.33
CA LEU B 267 -19.18 -20.70 -17.40
C LEU B 267 -18.26 -19.49 -17.59
N GLN B 268 -18.14 -19.00 -18.82
CA GLN B 268 -17.46 -17.76 -19.13
C GLN B 268 -18.20 -16.52 -18.67
N GLU B 269 -19.53 -16.56 -18.63
CA GLU B 269 -20.24 -15.47 -17.96
C GLU B 269 -20.21 -15.56 -16.43
N ILE B 270 -20.22 -16.78 -15.85
CA ILE B 270 -20.22 -16.93 -14.39
C ILE B 270 -18.91 -16.41 -13.81
N TYR B 271 -17.79 -16.70 -14.49
CA TYR B 271 -16.46 -16.28 -14.05
C TYR B 271 -16.00 -15.04 -14.80
N LYS B 272 -16.93 -14.11 -15.10
CA LYS B 272 -16.56 -12.90 -15.83
C LYS B 272 -15.43 -12.16 -15.13
N ASP B 273 -15.49 -12.10 -13.80
CA ASP B 273 -14.42 -11.52 -12.99
C ASP B 273 -13.61 -12.65 -12.37
N LEU B 274 -12.30 -12.59 -12.52
CA LEU B 274 -11.41 -13.59 -11.95
C LEU B 274 -10.78 -13.06 -10.69
N TYR B 275 -10.60 -13.95 -9.71
CA TYR B 275 -10.02 -13.58 -8.42
C TYR B 275 -8.77 -14.39 -8.14
N 570 C . 12.37 11.10 -11.98
CA 570 C . 12.98 11.04 -10.67
CB 570 C . 12.03 11.57 -9.60
CG 570 C . 11.64 13.04 -9.73
CD1 570 C . 10.53 13.40 -10.48
CD2 570 C . 12.39 14.00 -9.08
CE1 570 C . 10.19 14.72 -10.59
CE2 570 C . 12.05 15.33 -9.19
CZ 570 C . 10.95 15.69 -9.95
OH 570 C . 10.57 17.02 -10.09
C1A 570 C . 13.22 11.19 -13.16
C1F 570 C . 12.79 11.85 -14.29
C1E 570 C . 13.60 11.96 -15.40
C1D 570 C . 14.86 11.39 -15.39
C1C 570 C . 15.26 10.71 -14.26
C1B 570 C . 14.48 10.63 -13.13
C1H 570 C . 10.68 12.91 -15.58
C1I 570 C . 9.94 14.07 -15.57
C1J 570 C . 9.31 14.52 -16.70
C1K 570 C . 9.40 13.80 -17.89
C1L 570 C . 10.13 12.63 -17.90
C1M 570 C . 10.76 12.17 -16.75
C1G 570 C . 11.37 12.46 -14.28
O1G 570 C . 10.79 12.55 -13.25
O3F 570 C . 11.26 19.78 -13.94
C3G 570 C . 12.39 20.33 -13.45
N3H 570 C . 12.37 20.23 -12.10
C3C 570 C . 11.24 19.63 -11.76
C3D 570 C . 10.54 19.34 -12.91
C3E 570 C . 9.19 18.65 -13.01
C3I 570 C . 13.40 20.90 -14.21
C3N 570 C . 14.48 21.54 -13.61
C3M 570 C . 15.45 22.11 -14.40
C3L 570 C . 15.36 22.03 -15.77
C3K 570 C . 14.30 21.40 -16.37
C3J 570 C . 13.31 20.82 -15.59
C3A 570 C . 11.51 18.03 -9.85
C3B 570 C . 10.84 19.34 -10.31
O2 570 C . 14.56 9.25 -10.25
O1 570 C . 12.48 8.83 -9.86
C 570 C . 13.37 9.63 -10.25
HN 570 C . 11.37 11.07 -12.07
HA 570 C . 13.87 11.67 -10.75
HB1 570 C . 12.50 11.43 -8.63
HB2 570 C . 11.12 10.98 -9.64
HD1 570 C . 9.93 12.63 -10.97
HD2 570 C . 13.24 13.71 -8.49
HE1 570 C . 9.33 15.02 -11.18
HE2 570 C . 12.63 16.09 -8.69
H1E 570 C . 13.25 12.48 -16.28
H1D 570 C . 15.51 11.48 -16.25
H1C 570 C . 16.23 10.21 -14.26
H1B 570 C . 14.84 10.13 -12.24
H1I 570 C . 9.86 14.63 -14.64
H1J 570 C . 8.75 15.44 -16.68
H1K 570 C . 8.90 14.15 -18.78
H1L 570 C . 10.20 12.06 -18.82
H1M 570 C . 11.33 11.24 -16.78
H3E1 570 C . 9.14 17.84 -12.29
H3E2 570 C . 9.07 18.24 -14.01
H3E3 570 C . 8.40 19.37 -12.81
H3N 570 C . 14.54 21.60 -12.53
H3M 570 C . 16.30 22.62 -13.94
H3L 570 C . 16.14 22.48 -16.39
H3K 570 C . 14.24 21.33 -17.45
H3J 570 C . 12.47 20.33 -16.05
H3A1 570 C . 12.42 17.85 -10.41
H3A2 570 C . 11.74 18.08 -8.79
H3B1 570 C . 9.77 19.24 -10.24
H3B2 570 C . 11.18 20.16 -9.67
#